data_5WWN
#
_entry.id   5WWN
#
_cell.length_a   65.374
_cell.length_b   116.344
_cell.length_c   119.463
_cell.angle_alpha   90.000
_cell.angle_beta   90.000
_cell.angle_gamma   90.000
#
_symmetry.space_group_name_H-M   'P 21 21 21'
#
loop_
_entity.id
_entity.type
_entity.pdbx_description
1 polymer 'Ribosome biogenesis protein TSR1'
2 non-polymer 'SULFATE ION'
#
_entity_poly.entity_id   1
_entity_poly.type   'polypeptide(L)'
_entity_poly.pdbx_seq_one_letter_code
;NGAAKIITIVPLVNDLDPLDILYKLLKCADDEGIMVQEVDSKRIFNVHIKKFKSNLKIIIPDMTNFLNILDCAKVADFVV
FGLSGVQEVDEEFGEQIIRALELQGIASYIGVISNLSAVHEKEKFQLDVKQSLESYFKHFFPSEERVYNLEKNSDALNVL
RTLCQRLPRSINWRDNRGYVVADFVDFVETSPDSGDLVIEGTVRGIGFNANRLVHIPDFGDFQLNKIEKISESSQKRKII
KEKATDSLSLELDLQTVFESNMNRDTLDEYAPEGTEDWSDYDEDFEYDGLTTARYDDHGFLPGREQTSKKAAVPKGTSDY
QAKWYLDDVIDANEEEEAEQTNGKDETMMEIDDEMMVEQDNEEVAGDEEYDIEDNEGFEELSPEEEERQLREFRDMEKED
REFPDEIELEPSESAIERLKRYRGLKNLYNCDWQVDEKDPSSPAEWKRLLRIGNYKNTKNRIIKETKNEAQAIAGDRIRM
FIRFPKFLLEKIQDPKQLLFAVYGLLLHEHKNAVVNFSLQRWEQYDKPVPSQEPIVVQYGVRRYTIQPLFSQGSNSPNNV
HKYERFLHPDTVSVATCIAPVDFTQSPAIFFKPSPTDAKNIELIGHGTFLNADHSRILAKRAILTGHPFRFHKTVVTVRY
MFFRPEDVEWFKSIPLFTKSGRSGFIKESLGTHGYFKATFDGKLSAQDVVAMSLYKRMWPMPSLPWNGM
;
_entity_poly.pdbx_strand_id   A
#
loop_
_chem_comp.id
_chem_comp.type
_chem_comp.name
_chem_comp.formula
SO4 non-polymer 'SULFATE ION' 'O4 S -2'
#
# COMPACT_ATOMS: atom_id res chain seq x y z
N ALA A 3 -19.88 25.27 -4.33
CA ALA A 3 -18.78 24.31 -4.18
C ALA A 3 -18.40 23.71 -5.52
N ALA A 4 -17.12 23.73 -5.85
CA ALA A 4 -16.68 23.34 -7.18
C ALA A 4 -16.47 21.86 -7.31
N LYS A 5 -16.65 21.33 -8.51
CA LYS A 5 -16.38 19.94 -8.74
C LYS A 5 -14.94 19.83 -9.21
N ILE A 6 -14.21 18.94 -8.56
CA ILE A 6 -12.77 18.83 -8.76
C ILE A 6 -12.50 17.86 -9.88
N ILE A 7 -11.90 18.36 -10.95
CA ILE A 7 -11.64 17.58 -12.15
C ILE A 7 -10.15 17.48 -12.38
N THR A 8 -9.63 16.27 -12.56
CA THR A 8 -8.23 16.20 -12.95
C THR A 8 -8.08 15.38 -14.23
N ILE A 9 -7.28 15.96 -15.12
CA ILE A 9 -7.05 15.46 -16.46
C ILE A 9 -5.77 14.63 -16.48
N VAL A 10 -5.88 13.36 -16.84
CA VAL A 10 -4.76 12.46 -16.87
C VAL A 10 -4.59 11.88 -18.27
N PRO A 11 -3.71 12.49 -19.07
CA PRO A 11 -3.33 11.94 -20.38
C PRO A 11 -2.63 10.60 -20.22
N LEU A 12 -3.16 9.51 -20.76
CA LEU A 12 -2.53 8.22 -20.53
C LEU A 12 -1.40 7.90 -21.50
N VAL A 13 -1.05 8.86 -22.35
CA VAL A 13 0.00 8.71 -23.36
C VAL A 13 0.76 10.02 -23.44
N ASN A 14 2.08 9.97 -23.65
CA ASN A 14 2.85 11.23 -23.65
C ASN A 14 2.66 12.09 -24.89
N ASP A 15 2.12 11.51 -25.96
CA ASP A 15 1.79 12.30 -27.15
C ASP A 15 0.58 13.23 -26.92
N LEU A 16 -0.20 13.00 -25.88
CA LEU A 16 -1.32 13.90 -25.60
C LEU A 16 -0.89 15.08 -24.75
N ASP A 17 -1.28 16.27 -25.15
CA ASP A 17 -1.06 17.46 -24.32
C ASP A 17 -2.30 17.71 -23.45
N PRO A 18 -2.11 17.71 -22.11
CA PRO A 18 -3.24 17.90 -21.20
C PRO A 18 -3.95 19.23 -21.41
N LEU A 19 -3.24 20.26 -21.85
CA LEU A 19 -3.87 21.57 -22.05
C LEU A 19 -4.73 21.56 -23.29
N ASP A 20 -4.47 20.60 -24.18
CA ASP A 20 -5.25 20.43 -25.40
C ASP A 20 -6.64 19.86 -25.07
N ILE A 21 -6.65 18.85 -24.20
CA ILE A 21 -7.89 18.33 -23.64
C ILE A 21 -8.70 19.41 -22.94
N LEU A 22 -8.02 20.25 -22.17
CA LEU A 22 -8.69 21.35 -21.49
C LEU A 22 -9.30 22.37 -22.46
N TYR A 23 -8.54 22.75 -23.48
CA TYR A 23 -9.03 23.72 -24.44
C TYR A 23 -10.31 23.19 -25.11
N LYS A 24 -10.26 21.96 -25.60
CA LYS A 24 -11.39 21.38 -26.32
C LYS A 24 -12.64 21.34 -25.46
N LEU A 25 -12.45 21.06 -24.19
CA LEU A 25 -13.53 20.97 -23.23
C LEU A 25 -14.12 22.34 -22.95
N LEU A 26 -13.24 23.33 -22.77
CA LEU A 26 -13.69 24.68 -22.48
C LEU A 26 -14.34 25.34 -23.69
N LYS A 27 -13.89 25.00 -24.90
CA LYS A 27 -14.32 25.72 -26.10
C LYS A 27 -15.82 25.53 -26.34
N CYS A 28 -16.34 24.35 -26.01
CA CYS A 28 -17.75 24.09 -26.28
C CYS A 28 -18.65 24.66 -25.17
N ALA A 29 -18.16 25.67 -24.49
CA ALA A 29 -19.02 26.57 -23.73
C ALA A 29 -18.89 27.96 -24.35
N ASP A 30 -19.95 28.43 -25.00
CA ASP A 30 -19.91 29.71 -25.70
C ASP A 30 -19.61 30.83 -24.73
N ASP A 31 -18.37 30.91 -24.30
CA ASP A 31 -17.95 31.93 -23.37
C ASP A 31 -16.48 32.22 -23.55
N GLU A 32 -16.18 33.12 -24.48
CA GLU A 32 -14.80 33.49 -24.78
C GLU A 32 -14.16 34.19 -23.58
N GLY A 33 -14.95 34.39 -22.53
CA GLY A 33 -14.46 34.91 -21.27
C GLY A 33 -13.88 33.82 -20.39
N ILE A 34 -13.84 32.60 -20.90
CA ILE A 34 -13.20 31.49 -20.22
C ILE A 34 -11.89 31.10 -20.91
N MET A 35 -11.88 31.27 -22.23
CA MET A 35 -10.85 30.68 -23.09
C MET A 35 -9.44 31.20 -22.91
N VAL A 36 -9.28 32.52 -22.90
CA VAL A 36 -7.96 33.15 -22.85
C VAL A 36 -7.18 32.68 -21.61
N GLN A 37 -7.93 32.31 -20.58
CA GLN A 37 -7.38 31.87 -19.31
C GLN A 37 -7.14 30.35 -19.28
N LYS A 42 -1.82 28.42 -13.85
CA LYS A 42 -0.81 27.83 -14.70
C LYS A 42 -0.96 26.30 -14.81
N ARG A 43 -1.62 25.69 -13.82
CA ARG A 43 -1.74 24.24 -13.77
C ARG A 43 -3.01 23.77 -13.05
N ILE A 44 -3.60 24.68 -12.28
CA ILE A 44 -4.85 24.42 -11.57
C ILE A 44 -5.76 25.63 -11.77
N PHE A 45 -6.93 25.39 -12.34
CA PHE A 45 -7.80 26.47 -12.80
C PHE A 45 -9.17 26.40 -12.14
N ASN A 46 -9.67 27.53 -11.67
CA ASN A 46 -11.07 27.62 -11.27
C ASN A 46 -11.88 28.28 -12.37
N VAL A 47 -12.85 27.55 -12.94
CA VAL A 47 -13.69 28.14 -13.98
C VAL A 47 -15.19 28.01 -13.71
N HIS A 48 -15.92 29.10 -13.97
CA HIS A 48 -17.38 29.08 -13.95
C HIS A 48 -17.92 28.63 -15.30
N ILE A 49 -18.92 27.76 -15.28
CA ILE A 49 -19.60 27.36 -16.51
C ILE A 49 -21.01 27.94 -16.52
N LYS A 50 -21.13 29.18 -16.96
CA LYS A 50 -22.44 29.78 -17.13
C LYS A 50 -23.01 29.14 -18.39
N LYS A 51 -23.60 27.98 -18.20
CA LYS A 51 -24.13 27.15 -19.29
C LYS A 51 -24.75 25.95 -18.62
N PHE A 52 -24.16 25.60 -17.48
CA PHE A 52 -24.66 24.53 -16.64
C PHE A 52 -24.62 25.03 -15.23
N LYS A 53 -24.34 26.32 -15.10
CA LYS A 53 -24.33 27.02 -13.80
C LYS A 53 -23.53 26.25 -12.75
N SER A 54 -22.24 26.10 -13.02
CA SER A 54 -21.42 25.16 -12.28
C SER A 54 -20.01 25.67 -12.20
N ASN A 55 -19.33 25.34 -11.09
CA ASN A 55 -17.92 25.68 -10.94
C ASN A 55 -17.05 24.44 -10.96
N LEU A 56 -16.00 24.49 -11.78
CA LEU A 56 -15.08 23.39 -11.86
C LEU A 56 -13.73 23.86 -11.41
N LYS A 57 -13.00 23.00 -10.69
CA LYS A 57 -11.58 23.23 -10.41
C LYS A 57 -10.77 22.18 -11.15
N ILE A 58 -10.07 22.58 -12.20
CA ILE A 58 -9.37 21.64 -13.06
C ILE A 58 -7.92 21.49 -12.69
N ILE A 59 -7.52 20.28 -12.30
CA ILE A 59 -6.13 20.02 -11.95
C ILE A 59 -5.39 19.22 -13.03
N ILE A 60 -4.31 19.78 -13.55
CA ILE A 60 -3.41 19.04 -14.41
C ILE A 60 -2.19 18.64 -13.59
N PRO A 61 -1.99 17.34 -13.34
CA PRO A 61 -0.84 17.01 -12.49
C PRO A 61 0.49 17.31 -13.20
N ASP A 62 1.59 17.37 -12.45
CA ASP A 62 2.89 17.34 -13.10
C ASP A 62 3.03 15.95 -13.69
N MET A 63 3.06 15.88 -15.01
CA MET A 63 2.88 14.62 -15.71
C MET A 63 4.14 13.77 -15.73
N THR A 64 5.25 14.32 -15.23
CA THR A 64 6.52 13.62 -15.25
C THR A 64 6.92 13.12 -13.86
N ASN A 65 5.92 12.99 -12.99
CA ASN A 65 6.10 12.53 -11.62
C ASN A 65 4.88 11.68 -11.27
N PHE A 66 5.10 10.38 -11.21
CA PHE A 66 4.03 9.43 -11.02
C PHE A 66 3.21 9.74 -9.78
N LEU A 67 3.88 9.98 -8.66
CA LEU A 67 3.24 10.30 -7.39
C LEU A 67 2.40 11.57 -7.43
N ASN A 68 2.83 12.56 -8.20
CA ASN A 68 2.02 13.77 -8.29
C ASN A 68 0.71 13.44 -8.98
N ILE A 69 0.77 12.57 -10.00
CA ILE A 69 -0.41 12.13 -10.71
C ILE A 69 -1.38 11.51 -9.74
N LEU A 70 -1.00 10.39 -9.13
CA LEU A 70 -1.76 9.74 -8.07
C LEU A 70 -2.39 10.73 -7.08
N ASP A 71 -1.63 11.76 -6.72
CA ASP A 71 -2.07 12.69 -5.70
C ASP A 71 -3.12 13.69 -6.20
N CYS A 72 -3.07 14.04 -7.48
CA CYS A 72 -4.12 14.88 -8.06
C CYS A 72 -5.40 14.10 -8.21
N ALA A 73 -5.23 12.83 -8.53
CA ALA A 73 -6.36 11.95 -8.75
C ALA A 73 -7.09 11.63 -7.45
N LYS A 74 -6.39 11.65 -6.32
CA LYS A 74 -7.02 11.37 -5.03
C LYS A 74 -8.12 12.36 -4.73
N VAL A 75 -7.87 13.62 -5.00
CA VAL A 75 -8.78 14.69 -4.58
C VAL A 75 -9.87 14.93 -5.61
N ALA A 76 -9.81 14.21 -6.72
CA ALA A 76 -10.68 14.43 -7.86
C ALA A 76 -12.09 13.89 -7.66
N ASP A 77 -13.08 14.63 -8.12
CA ASP A 77 -14.43 14.11 -8.23
C ASP A 77 -14.55 13.30 -9.51
N PHE A 78 -14.08 13.90 -10.59
CA PHE A 78 -13.98 13.22 -11.87
C PHE A 78 -12.55 13.16 -12.31
N VAL A 79 -12.15 12.01 -12.83
CA VAL A 79 -10.89 11.89 -13.51
C VAL A 79 -11.16 11.79 -15.00
N VAL A 80 -10.61 12.71 -15.77
CA VAL A 80 -10.76 12.62 -17.21
C VAL A 80 -9.52 11.96 -17.78
N PHE A 81 -9.69 10.78 -18.38
CA PHE A 81 -8.56 10.04 -18.96
C PHE A 81 -8.40 10.33 -20.45
N GLY A 82 -7.21 10.76 -20.85
CA GLY A 82 -6.95 11.02 -22.24
C GLY A 82 -6.33 9.82 -22.88
N LEU A 83 -6.94 9.35 -23.96
CA LEU A 83 -6.40 8.27 -24.76
C LEU A 83 -5.96 8.80 -26.11
N SER A 84 -5.16 8.01 -26.81
CA SER A 84 -4.47 8.45 -28.01
C SER A 84 -4.87 7.61 -29.20
N GLY A 85 -5.24 8.27 -30.30
CA GLY A 85 -5.63 7.56 -31.49
C GLY A 85 -4.46 6.95 -32.25
N VAL A 86 -3.26 7.50 -32.07
CA VAL A 86 -2.14 7.05 -32.89
C VAL A 86 -1.03 6.38 -32.08
N GLN A 87 -1.00 6.63 -30.78
CA GLN A 87 0.00 5.98 -29.94
C GLN A 87 -0.63 5.01 -28.92
N GLU A 88 0.00 3.86 -28.75
CA GLU A 88 -0.46 2.82 -27.84
C GLU A 88 -0.21 3.23 -26.39
N VAL A 89 -1.07 2.84 -25.48
CA VAL A 89 -0.80 3.10 -24.07
C VAL A 89 0.34 2.22 -23.58
N ASP A 90 1.29 2.85 -22.91
CA ASP A 90 2.51 2.22 -22.44
C ASP A 90 2.26 1.27 -21.26
N GLU A 91 2.74 0.04 -21.37
CA GLU A 91 2.58 -0.97 -20.31
C GLU A 91 3.16 -0.52 -18.98
N GLU A 92 4.25 0.25 -19.05
CA GLU A 92 5.06 0.58 -17.89
C GLU A 92 4.68 1.93 -17.28
N PHE A 93 3.99 2.76 -18.06
CA PHE A 93 3.57 4.07 -17.56
C PHE A 93 2.06 4.19 -17.46
N GLY A 94 1.42 4.56 -18.56
CA GLY A 94 -0.01 4.81 -18.59
C GLY A 94 -0.90 3.69 -18.07
N GLU A 95 -0.57 2.45 -18.42
CA GLU A 95 -1.33 1.32 -17.91
C GLU A 95 -1.23 1.29 -16.39
N GLN A 96 -0.03 1.46 -15.89
CA GLN A 96 0.17 1.53 -14.46
C GLN A 96 -0.57 2.70 -13.79
N ILE A 97 -0.76 3.82 -14.49
CA ILE A 97 -1.58 4.91 -13.95
C ILE A 97 -3.00 4.42 -13.77
N ILE A 98 -3.50 3.68 -14.76
CA ILE A 98 -4.83 3.15 -14.66
C ILE A 98 -4.94 2.27 -13.42
N ARG A 99 -3.97 1.38 -13.24
CA ARG A 99 -4.07 0.41 -12.16
C ARG A 99 -3.86 1.04 -10.78
N ALA A 100 -2.93 1.97 -10.67
CA ALA A 100 -2.67 2.66 -9.42
C ALA A 100 -3.85 3.52 -9.02
N LEU A 101 -4.43 4.18 -10.01
CA LEU A 101 -5.63 4.98 -9.81
C LEU A 101 -6.82 4.21 -9.21
N GLU A 102 -7.03 2.98 -9.66
CA GLU A 102 -8.10 2.17 -9.10
C GLU A 102 -7.74 1.62 -7.74
N LEU A 103 -6.51 1.15 -7.58
CA LEU A 103 -6.11 0.47 -6.35
C LEU A 103 -5.99 1.40 -5.15
N GLN A 104 -5.75 2.68 -5.38
CA GLN A 104 -5.70 3.64 -4.29
C GLN A 104 -7.07 4.20 -3.96
N GLY A 105 -8.05 3.94 -4.83
CA GLY A 105 -9.37 4.53 -4.68
C GLY A 105 -9.59 5.70 -5.64
N ILE A 106 -10.58 5.55 -6.53
CA ILE A 106 -10.92 6.56 -7.52
C ILE A 106 -12.39 6.89 -7.40
N ALA A 107 -12.76 8.12 -7.70
CA ALA A 107 -14.17 8.50 -7.68
C ALA A 107 -14.79 8.25 -9.05
N SER A 108 -15.28 9.31 -9.69
CA SER A 108 -15.86 9.17 -11.03
C SER A 108 -14.80 9.35 -12.10
N TYR A 109 -15.10 8.88 -13.31
CA TYR A 109 -14.10 8.78 -14.37
C TYR A 109 -14.72 8.74 -15.77
N ILE A 110 -14.08 9.43 -16.70
CA ILE A 110 -14.55 9.44 -18.08
C ILE A 110 -13.37 9.37 -19.07
N GLY A 111 -13.53 8.61 -20.13
CA GLY A 111 -12.47 8.46 -21.12
C GLY A 111 -12.72 9.33 -22.33
N VAL A 112 -11.67 9.98 -22.83
CA VAL A 112 -11.80 10.86 -23.99
C VAL A 112 -10.67 10.62 -24.98
N ILE A 113 -10.91 10.96 -26.26
CA ILE A 113 -9.87 11.13 -27.28
C ILE A 113 -9.90 12.56 -27.76
N SER A 114 -8.74 13.21 -27.77
CA SER A 114 -8.67 14.61 -28.22
C SER A 114 -7.96 14.62 -29.58
N ASN A 115 -7.97 13.48 -30.23
CA ASN A 115 -6.86 13.08 -31.04
C ASN A 115 -7.22 12.42 -32.36
N LEU A 116 -8.49 12.07 -32.52
CA LEU A 116 -8.88 11.16 -33.60
C LEU A 116 -8.42 11.60 -34.97
N SER A 117 -8.45 12.92 -35.22
CA SER A 117 -8.14 13.43 -36.54
C SER A 117 -6.69 13.08 -36.95
N ALA A 118 -5.80 12.90 -35.98
CA ALA A 118 -4.43 12.49 -36.24
C ALA A 118 -4.32 11.14 -36.93
N VAL A 119 -5.36 10.32 -36.82
CA VAL A 119 -5.41 9.05 -37.54
C VAL A 119 -5.79 9.31 -38.98
N HIS A 120 -4.80 9.32 -39.89
CA HIS A 120 -5.07 9.76 -41.25
C HIS A 120 -5.50 8.62 -42.14
N GLU A 121 -6.64 8.02 -41.82
CA GLU A 121 -7.15 6.89 -42.57
C GLU A 121 -8.66 7.01 -42.77
N LYS A 122 -9.23 6.11 -43.57
CA LYS A 122 -10.64 6.22 -43.86
C LYS A 122 -11.45 6.23 -42.58
N GLU A 123 -12.62 6.84 -42.63
CA GLU A 123 -13.46 7.07 -41.47
C GLU A 123 -13.99 5.78 -40.80
N LYS A 124 -14.23 4.71 -41.55
CA LYS A 124 -14.57 3.43 -40.90
C LYS A 124 -13.41 2.96 -40.03
N PHE A 125 -12.18 3.23 -40.48
CA PHE A 125 -10.99 2.82 -39.74
C PHE A 125 -10.87 3.64 -38.45
N GLN A 126 -10.99 4.95 -38.56
CA GLN A 126 -10.91 5.82 -37.38
C GLN A 126 -11.90 5.41 -36.28
N LEU A 127 -13.14 5.15 -36.69
CA LEU A 127 -14.18 4.75 -35.76
C LEU A 127 -13.88 3.43 -35.09
N ASP A 128 -13.15 2.57 -35.78
CA ASP A 128 -12.89 1.25 -35.25
C ASP A 128 -11.68 1.32 -34.35
N VAL A 129 -10.97 2.43 -34.41
CA VAL A 129 -9.90 2.67 -33.47
C VAL A 129 -10.50 3.21 -32.18
N LYS A 130 -11.45 4.12 -32.32
CA LYS A 130 -12.23 4.56 -31.19
C LYS A 130 -12.86 3.39 -30.47
N GLN A 131 -13.54 2.52 -31.20
CA GLN A 131 -14.13 1.33 -30.60
C GLN A 131 -13.10 0.47 -29.85
N SER A 132 -11.90 0.30 -30.40
CA SER A 132 -10.86 -0.48 -29.72
C SER A 132 -10.36 0.23 -28.45
N LEU A 133 -10.34 1.55 -28.47
CA LEU A 133 -10.04 2.31 -27.26
C LEU A 133 -11.17 2.14 -26.24
N GLU A 134 -12.41 2.08 -26.71
CA GLU A 134 -13.55 1.87 -25.83
C GLU A 134 -13.51 0.51 -25.14
N SER A 135 -12.91 -0.47 -25.79
CA SER A 135 -12.85 -1.82 -25.22
C SER A 135 -11.64 -2.04 -24.32
N TYR A 136 -10.54 -1.36 -24.62
CA TYR A 136 -9.40 -1.31 -23.72
C TYR A 136 -9.80 -0.63 -22.43
N PHE A 137 -10.61 0.41 -22.55
CA PHE A 137 -11.05 1.19 -21.40
C PHE A 137 -12.06 0.42 -20.55
N LYS A 138 -13.07 -0.15 -21.20
CA LYS A 138 -14.08 -0.98 -20.54
C LYS A 138 -13.46 -2.15 -19.79
N HIS A 139 -12.24 -2.52 -20.17
CA HIS A 139 -11.52 -3.59 -19.51
C HIS A 139 -11.23 -3.21 -18.08
N PHE A 140 -10.98 -1.93 -17.84
CA PHE A 140 -10.62 -1.42 -16.52
C PHE A 140 -11.79 -0.72 -15.84
N PHE A 141 -12.67 -0.14 -16.64
CA PHE A 141 -13.77 0.69 -16.16
C PHE A 141 -15.09 0.31 -16.82
N PRO A 142 -15.66 -0.83 -16.42
CA PRO A 142 -16.85 -1.39 -17.09
C PRO A 142 -18.08 -0.46 -17.09
N SER A 143 -18.21 0.37 -16.06
CA SER A 143 -19.23 1.42 -16.00
C SER A 143 -19.20 2.32 -17.23
N GLU A 144 -18.04 2.40 -17.88
CA GLU A 144 -17.85 3.36 -18.98
C GLU A 144 -17.87 2.72 -20.35
N GLU A 145 -19.07 2.71 -20.92
CA GLU A 145 -19.29 2.25 -22.27
C GLU A 145 -18.52 3.12 -23.26
N ARG A 146 -18.86 4.41 -23.31
CA ARG A 146 -18.39 5.30 -24.37
C ARG A 146 -17.08 6.03 -24.00
N VAL A 147 -16.31 6.34 -25.04
CA VAL A 147 -15.08 7.13 -24.95
C VAL A 147 -15.28 8.30 -25.88
N TYR A 148 -15.26 9.51 -25.32
CA TYR A 148 -15.81 10.66 -26.00
C TYR A 148 -14.83 11.44 -26.84
N ASN A 149 -15.17 11.62 -28.11
CA ASN A 149 -14.39 12.37 -29.09
C ASN A 149 -14.48 13.89 -28.88
N LEU A 150 -13.44 14.47 -28.28
CA LEU A 150 -13.51 15.87 -27.88
C LEU A 150 -13.43 16.82 -29.05
N GLU A 151 -13.37 16.29 -30.27
CA GLU A 151 -13.28 17.12 -31.46
C GLU A 151 -14.66 17.29 -32.06
N LYS A 152 -15.51 16.29 -31.89
CA LYS A 152 -16.94 16.43 -32.14
C LYS A 152 -17.54 17.26 -31.01
N ASN A 153 -18.07 18.43 -31.36
CA ASN A 153 -18.64 19.34 -30.37
C ASN A 153 -19.67 18.68 -29.47
N SER A 154 -20.56 17.88 -30.04
CA SER A 154 -21.63 17.33 -29.24
C SER A 154 -21.11 16.26 -28.28
N ASP A 155 -19.93 15.73 -28.55
CA ASP A 155 -19.30 14.79 -27.63
C ASP A 155 -18.60 15.58 -26.52
N ALA A 156 -17.92 16.67 -26.89
CA ALA A 156 -17.34 17.57 -25.91
C ALA A 156 -18.39 18.06 -24.94
N LEU A 157 -19.56 18.44 -25.44
CA LEU A 157 -20.64 18.96 -24.60
C LEU A 157 -21.15 17.94 -23.61
N ASN A 158 -21.25 16.70 -24.07
CA ASN A 158 -21.64 15.60 -23.19
C ASN A 158 -20.76 15.55 -21.95
N VAL A 159 -19.46 15.35 -22.18
CA VAL A 159 -18.43 15.34 -21.13
C VAL A 159 -18.53 16.53 -20.19
N LEU A 160 -18.64 17.72 -20.77
CA LEU A 160 -18.77 18.92 -19.96
C LEU A 160 -20.01 18.86 -19.06
N ARG A 161 -21.16 18.49 -19.62
CA ARG A 161 -22.40 18.47 -18.86
C ARG A 161 -22.27 17.48 -17.70
N THR A 162 -21.67 16.33 -17.99
CA THR A 162 -21.47 15.34 -16.95
C THR A 162 -20.60 15.87 -15.81
N LEU A 163 -19.49 16.50 -16.16
CA LEU A 163 -18.56 17.02 -15.17
C LEU A 163 -19.27 18.00 -14.28
N CYS A 164 -20.14 18.82 -14.88
CA CYS A 164 -20.80 19.89 -14.15
C CYS A 164 -21.93 19.38 -13.27
N GLN A 165 -22.74 18.49 -13.81
CA GLN A 165 -24.02 18.14 -13.21
C GLN A 165 -24.11 16.78 -12.55
N ARG A 166 -23.39 15.80 -13.06
CA ARG A 166 -23.49 14.47 -12.49
C ARG A 166 -22.88 14.38 -11.08
N LEU A 167 -23.61 13.76 -10.16
CA LEU A 167 -23.11 13.46 -8.84
C LEU A 167 -21.91 12.55 -8.87
N PRO A 168 -20.80 12.99 -8.28
CA PRO A 168 -19.58 12.20 -8.19
C PRO A 168 -19.75 10.93 -7.37
N ARG A 169 -18.99 9.91 -7.73
CA ARG A 169 -18.85 8.76 -6.88
C ARG A 169 -18.03 9.18 -5.64
N SER A 170 -18.06 8.34 -4.62
CA SER A 170 -17.40 8.62 -3.35
C SER A 170 -16.12 7.77 -3.17
N ILE A 171 -15.22 8.20 -2.30
CA ILE A 171 -14.03 7.43 -1.93
C ILE A 171 -13.95 7.30 -0.41
N ASN A 172 -14.22 6.12 0.11
CA ASN A 172 -14.32 5.87 1.54
C ASN A 172 -13.24 6.52 2.40
N TRP A 173 -11.97 6.13 2.21
CA TRP A 173 -10.88 6.60 3.04
C TRP A 173 -10.78 8.13 3.07
N ARG A 174 -10.99 8.80 1.93
CA ARG A 174 -10.82 10.25 1.94
C ARG A 174 -12.11 11.01 2.31
N ASP A 175 -13.27 10.37 2.18
CA ASP A 175 -14.53 11.07 2.43
C ASP A 175 -14.93 10.97 3.90
N ASN A 176 -14.40 9.96 4.60
CA ASN A 176 -14.66 9.80 6.03
C ASN A 176 -13.61 10.49 6.90
N ARG A 177 -12.87 11.38 6.29
CA ARG A 177 -12.00 12.32 6.96
C ARG A 177 -12.25 13.59 6.19
N GLY A 178 -11.77 14.73 6.65
CA GLY A 178 -12.01 15.90 5.84
C GLY A 178 -10.84 16.11 4.91
N TYR A 179 -11.06 16.88 3.84
CA TYR A 179 -9.96 17.28 3.00
C TYR A 179 -10.27 18.62 2.35
N VAL A 180 -9.23 19.33 1.92
CA VAL A 180 -9.34 20.63 1.26
C VAL A 180 -8.25 20.76 0.22
N VAL A 181 -8.60 21.31 -0.94
CA VAL A 181 -7.63 21.76 -1.95
C VAL A 181 -7.40 23.26 -1.79
N ALA A 182 -6.15 23.66 -1.60
CA ALA A 182 -5.83 25.07 -1.33
C ALA A 182 -5.84 25.96 -2.57
N ASP A 183 -6.61 27.05 -2.52
CA ASP A 183 -6.57 28.08 -3.55
C ASP A 183 -5.50 29.12 -3.22
N PHE A 184 -5.48 29.54 -1.95
CA PHE A 184 -4.49 30.48 -1.48
C PHE A 184 -3.73 29.89 -0.27
N VAL A 185 -2.43 30.15 -0.24
CA VAL A 185 -1.59 29.75 0.87
C VAL A 185 -0.65 30.89 1.29
N ASP A 186 -0.80 31.37 2.52
CA ASP A 186 0.05 32.46 3.02
C ASP A 186 0.48 32.19 4.47
N PHE A 187 1.60 32.77 4.87
CA PHE A 187 2.14 32.52 6.19
C PHE A 187 2.11 33.75 7.10
N VAL A 188 2.11 33.50 8.41
CA VAL A 188 2.01 34.53 9.44
C VAL A 188 2.81 34.19 10.70
N GLU A 189 3.82 34.99 11.03
CA GLU A 189 4.63 34.75 12.23
C GLU A 189 3.86 34.88 13.55
N THR A 190 4.21 34.06 14.54
CA THR A 190 3.59 34.13 15.87
C THR A 190 4.59 33.85 16.99
N SER A 191 5.74 33.29 16.62
CA SER A 191 6.78 32.92 17.57
C SER A 191 8.10 33.01 16.85
N PRO A 192 9.22 32.84 17.57
CA PRO A 192 10.46 32.88 16.78
C PRO A 192 10.59 31.70 15.81
N ASP A 193 10.24 30.49 16.27
CA ASP A 193 10.50 29.27 15.50
C ASP A 193 9.38 28.88 14.52
N SER A 194 8.16 29.36 14.75
CA SER A 194 7.02 28.91 13.97
C SER A 194 6.02 30.01 13.64
N GLY A 195 4.89 29.63 13.06
CA GLY A 195 3.84 30.57 12.73
C GLY A 195 2.56 29.87 12.31
N ASP A 196 1.70 30.60 11.61
CA ASP A 196 0.41 30.07 11.11
C ASP A 196 0.38 29.98 9.59
N LEU A 197 0.40 28.75 9.06
CA LEU A 197 0.17 28.58 7.63
C LEU A 197 -1.30 28.72 7.38
N VAL A 198 -1.66 29.80 6.69
CA VAL A 198 -3.07 30.10 6.44
C VAL A 198 -3.46 29.56 5.08
N ILE A 199 -4.54 28.79 5.10
CA ILE A 199 -5.00 28.03 3.94
C ILE A 199 -6.43 28.43 3.59
N GLU A 200 -6.67 28.67 2.30
CA GLU A 200 -8.03 28.93 1.87
C GLU A 200 -8.49 27.91 0.81
N GLY A 201 -9.68 27.36 1.03
CA GLY A 201 -10.23 26.39 0.14
C GLY A 201 -11.62 26.00 0.59
N THR A 202 -12.31 25.22 -0.24
CA THR A 202 -13.57 24.63 0.14
C THR A 202 -13.35 23.31 0.90
N VAL A 203 -14.06 23.16 2.00
CA VAL A 203 -14.04 21.91 2.75
C VAL A 203 -14.78 20.82 2.00
N ARG A 204 -14.20 19.63 2.01
CA ARG A 204 -14.85 18.44 1.47
C ARG A 204 -14.74 17.33 2.51
N GLY A 205 -15.46 16.25 2.30
CA GLY A 205 -15.40 15.12 3.22
C GLY A 205 -16.27 15.35 4.43
N ILE A 206 -15.82 14.81 5.56
CA ILE A 206 -16.59 14.81 6.79
C ILE A 206 -16.39 16.10 7.56
N GLY A 207 -15.39 16.88 7.17
CA GLY A 207 -15.18 18.18 7.76
C GLY A 207 -13.93 18.35 8.61
N PHE A 208 -13.84 19.49 9.28
CA PHE A 208 -12.71 19.79 10.16
C PHE A 208 -13.16 20.31 11.51
N ASN A 209 -12.31 20.04 12.51
CA ASN A 209 -12.49 20.48 13.88
C ASN A 209 -11.12 20.97 14.35
N ALA A 210 -11.06 22.19 14.87
CA ALA A 210 -9.80 22.83 15.26
C ALA A 210 -9.03 22.06 16.34
N ASN A 211 -9.77 21.31 17.15
CA ASN A 211 -9.17 20.46 18.19
C ASN A 211 -8.54 19.17 17.62
N ARG A 212 -8.15 19.18 16.35
CA ARG A 212 -7.66 17.97 15.67
C ARG A 212 -6.40 18.22 14.84
N LEU A 213 -5.73 17.15 14.45
CA LEU A 213 -4.55 17.31 13.61
C LEU A 213 -4.89 17.25 12.13
N VAL A 214 -3.93 17.65 11.32
CA VAL A 214 -4.13 17.83 9.90
C VAL A 214 -2.89 17.24 9.20
N HIS A 215 -3.07 16.58 8.05
CA HIS A 215 -1.93 15.98 7.33
C HIS A 215 -1.66 16.58 5.96
N ILE A 216 -0.43 17.05 5.76
CA ILE A 216 0.02 17.52 4.47
C ILE A 216 1.09 16.60 3.88
N PRO A 217 0.82 16.04 2.69
CA PRO A 217 1.89 15.34 1.97
C PRO A 217 2.75 16.31 1.15
N ASP A 218 4.08 16.17 1.10
CA ASP A 218 4.86 15.31 1.97
C ASP A 218 5.55 16.14 3.05
N PHE A 219 4.78 16.60 4.03
CA PHE A 219 5.31 17.44 5.11
C PHE A 219 5.14 16.83 6.50
N GLY A 220 4.00 16.18 6.75
CA GLY A 220 3.74 15.58 8.04
C GLY A 220 2.41 16.00 8.68
N ASP A 221 2.24 15.71 9.96
CA ASP A 221 1.03 16.09 10.67
C ASP A 221 1.22 17.38 11.47
N PHE A 222 0.20 18.21 11.55
CA PHE A 222 0.29 19.51 12.17
C PHE A 222 -0.96 19.86 12.94
N GLN A 223 -0.82 20.73 13.93
CA GLN A 223 -1.96 21.15 14.74
C GLN A 223 -2.65 22.33 14.13
N LEU A 224 -3.96 22.39 14.35
CA LEU A 224 -4.76 23.50 13.90
C LEU A 224 -4.89 24.50 15.03
N ASN A 225 -4.69 25.78 14.71
CA ASN A 225 -4.86 26.85 15.66
C ASN A 225 -6.34 27.25 15.75
N LYS A 226 -6.92 27.56 14.59
CA LYS A 226 -8.32 27.97 14.49
C LYS A 226 -8.83 27.85 13.06
N ILE A 227 -10.14 28.02 12.90
CA ILE A 227 -10.80 27.96 11.61
C ILE A 227 -11.85 29.07 11.45
N GLU A 228 -11.74 29.86 10.37
CA GLU A 228 -12.68 30.95 10.06
C GLU A 228 -13.53 30.62 8.86
N LYS A 229 -14.83 30.92 8.90
CA LYS A 229 -15.64 30.92 7.67
C LYS A 229 -15.84 32.33 7.13
N GLU A 386 22.24 -3.43 -8.48
CA GLU A 386 20.81 -3.73 -8.53
C GLU A 386 20.55 -5.15 -9.02
N GLU A 387 21.20 -5.52 -10.11
CA GLU A 387 21.10 -6.88 -10.64
C GLU A 387 21.81 -7.86 -9.72
N ARG A 388 22.69 -7.34 -8.87
CA ARG A 388 23.47 -8.15 -7.93
C ARG A 388 22.60 -8.61 -6.76
N GLN A 389 21.90 -7.66 -6.16
CA GLN A 389 20.99 -7.95 -5.06
C GLN A 389 19.87 -8.88 -5.50
N LEU A 390 19.39 -8.66 -6.72
CA LEU A 390 18.30 -9.44 -7.27
C LEU A 390 18.65 -10.93 -7.31
N ARG A 391 19.81 -11.27 -7.87
CA ARG A 391 20.19 -12.67 -8.02
C ARG A 391 20.39 -13.36 -6.66
N GLU A 392 20.84 -12.61 -5.66
CA GLU A 392 21.04 -13.16 -4.32
C GLU A 392 19.71 -13.44 -3.60
N PHE A 393 18.80 -12.47 -3.64
CA PHE A 393 17.47 -12.66 -3.09
C PHE A 393 16.72 -13.74 -3.85
N ARG A 394 16.96 -13.80 -5.15
CA ARG A 394 16.34 -14.81 -6.02
C ARG A 394 16.78 -16.19 -5.61
N ASP A 395 18.05 -16.31 -5.22
CA ASP A 395 18.60 -17.60 -4.88
C ASP A 395 18.10 -18.05 -3.51
N MET A 396 18.07 -17.12 -2.55
CA MET A 396 17.45 -17.38 -1.26
C MET A 396 15.95 -17.72 -1.36
N GLU A 397 15.26 -17.11 -2.32
CA GLU A 397 13.85 -17.40 -2.51
C GLU A 397 13.68 -18.84 -3.00
N LYS A 398 14.52 -19.23 -3.95
CA LYS A 398 14.52 -20.61 -4.45
C LYS A 398 14.82 -21.61 -3.33
N GLU A 399 15.82 -21.31 -2.50
CA GLU A 399 16.15 -22.15 -1.35
C GLU A 399 14.97 -22.35 -0.41
N ASP A 400 14.43 -21.23 0.09
CA ASP A 400 13.30 -21.28 1.02
C ASP A 400 12.11 -21.96 0.37
N ARG A 401 12.01 -21.83 -0.95
CA ARG A 401 10.93 -22.46 -1.72
C ARG A 401 11.02 -23.99 -1.79
N GLU A 402 12.22 -24.52 -2.02
CA GLU A 402 12.43 -25.96 -2.15
C GLU A 402 12.56 -26.65 -0.80
N PHE A 403 13.21 -25.96 0.15
CA PHE A 403 13.45 -26.50 1.48
C PHE A 403 12.98 -25.53 2.55
N PRO A 404 11.67 -25.48 2.77
CA PRO A 404 11.14 -24.68 3.87
C PRO A 404 10.85 -25.57 5.08
N ASP A 405 11.05 -25.07 6.29
CA ASP A 405 11.88 -23.93 6.59
C ASP A 405 13.16 -24.54 7.12
N GLU A 406 13.84 -25.28 6.26
CA GLU A 406 14.98 -26.07 6.68
C GLU A 406 16.18 -25.25 7.13
N ILE A 407 16.83 -25.72 8.21
CA ILE A 407 18.14 -25.23 8.60
C ILE A 407 19.16 -26.37 8.47
N GLU A 408 20.28 -26.10 7.82
CA GLU A 408 21.33 -27.09 7.68
C GLU A 408 22.56 -26.71 8.49
N LEU A 409 22.73 -27.35 9.63
CA LEU A 409 23.91 -27.17 10.45
C LEU A 409 25.14 -27.69 9.73
N GLU A 410 26.27 -27.01 9.86
CA GLU A 410 27.52 -27.56 9.36
C GLU A 410 28.26 -28.20 10.53
N PRO A 411 29.11 -29.18 10.22
CA PRO A 411 29.95 -29.82 11.24
C PRO A 411 30.75 -28.83 12.08
N SER A 412 31.07 -27.67 11.49
CA SER A 412 31.92 -26.67 12.14
C SER A 412 31.24 -25.82 13.23
N GLU A 413 29.94 -25.57 13.09
CA GLU A 413 29.28 -24.56 13.92
C GLU A 413 28.54 -25.15 15.11
N SER A 414 28.14 -24.29 16.05
CA SER A 414 27.40 -24.74 17.23
C SER A 414 25.89 -24.61 17.04
N ALA A 415 25.16 -25.69 17.30
CA ALA A 415 23.70 -25.64 17.17
C ALA A 415 23.13 -24.76 18.28
N ILE A 416 23.68 -24.88 19.48
CA ILE A 416 23.32 -24.01 20.59
C ILE A 416 23.37 -22.53 20.21
N GLU A 417 24.43 -22.12 19.54
CA GLU A 417 24.53 -20.74 19.14
C GLU A 417 23.68 -20.39 17.90
N ARG A 418 23.56 -21.28 16.91
CA ARG A 418 22.73 -20.95 15.73
C ARG A 418 21.23 -20.88 16.04
N LEU A 419 20.78 -21.73 16.94
CA LEU A 419 19.38 -21.86 17.20
C LEU A 419 18.98 -21.07 18.41
N LYS A 420 19.78 -20.07 18.75
CA LYS A 420 19.71 -19.43 20.05
C LYS A 420 18.34 -18.86 20.44
N ARG A 421 17.56 -18.31 19.51
CA ARG A 421 16.30 -17.71 19.96
C ARG A 421 15.11 -18.65 19.81
N TYR A 422 15.36 -19.90 19.44
CA TYR A 422 14.27 -20.83 19.13
C TYR A 422 13.80 -21.65 20.33
N ARG A 423 12.55 -22.07 20.25
CA ARG A 423 11.91 -22.83 21.32
C ARG A 423 11.29 -24.08 20.71
N GLY A 424 11.00 -25.07 21.55
CA GLY A 424 10.41 -26.31 21.10
C GLY A 424 8.93 -26.17 20.81
N LEU A 425 8.53 -26.67 19.64
CA LEU A 425 7.16 -26.54 19.18
C LEU A 425 7.00 -27.33 17.89
N LYS A 426 6.23 -28.41 17.94
CA LYS A 426 5.96 -29.19 16.75
C LYS A 426 4.85 -28.48 15.98
N ASN A 427 3.67 -28.46 16.57
CA ASN A 427 2.46 -27.95 15.93
C ASN A 427 2.12 -26.52 16.34
N LEU A 428 1.66 -25.72 15.38
CA LEU A 428 1.49 -24.30 15.64
C LEU A 428 0.17 -23.96 16.36
N TYR A 429 -0.72 -24.93 16.46
CA TYR A 429 -1.98 -24.67 17.15
C TYR A 429 -1.83 -24.83 18.65
N ASN A 430 -0.74 -25.46 19.06
CA ASN A 430 -0.46 -25.73 20.47
C ASN A 430 0.36 -24.64 21.14
N CYS A 431 0.67 -23.60 20.39
CA CYS A 431 1.49 -22.53 20.93
C CYS A 431 0.72 -21.76 22.00
N ASP A 432 1.38 -21.49 23.13
CA ASP A 432 0.77 -20.76 24.24
C ASP A 432 1.66 -19.61 24.69
N TRP A 433 2.23 -18.88 23.72
CA TRP A 433 2.97 -17.66 24.01
C TRP A 433 2.02 -16.53 24.34
N GLN A 434 2.37 -15.73 25.33
CA GLN A 434 1.60 -14.56 25.68
C GLN A 434 2.02 -13.38 24.80
N VAL A 435 1.35 -12.25 24.94
CA VAL A 435 1.86 -11.04 24.33
C VAL A 435 2.76 -10.30 25.32
N ASP A 436 3.98 -10.82 25.53
CA ASP A 436 4.93 -10.25 26.49
C ASP A 436 5.89 -9.25 25.82
N GLU A 437 7.15 -9.20 26.23
CA GLU A 437 8.03 -8.06 25.92
C GLU A 437 9.27 -8.40 25.07
N LYS A 438 9.52 -7.55 24.05
CA LYS A 438 10.63 -7.73 23.09
C LYS A 438 12.01 -7.48 23.73
N ARG A 448 6.18 2.55 23.21
CA ARG A 448 4.96 2.77 24.00
C ARG A 448 3.73 2.95 23.09
N LEU A 449 3.26 1.85 22.52
CA LEU A 449 2.30 1.88 21.42
C LEU A 449 0.84 1.93 21.84
N LEU A 450 0.00 2.36 20.89
CA LEU A 450 -1.43 2.31 21.08
C LEU A 450 -1.94 0.87 21.00
N ARG A 451 -2.82 0.49 21.92
CA ARG A 451 -3.45 -0.82 21.85
C ARG A 451 -4.96 -0.64 21.88
N ILE A 452 -5.65 -1.36 21.00
CA ILE A 452 -7.08 -1.16 20.77
C ILE A 452 -7.87 -2.44 21.04
N GLY A 453 -8.99 -2.29 21.75
CA GLY A 453 -9.77 -3.44 22.16
C GLY A 453 -10.28 -4.23 20.98
N ASN A 454 -11.32 -3.72 20.35
CA ASN A 454 -11.80 -4.29 19.11
C ASN A 454 -11.63 -3.19 18.08
N TYR A 455 -10.95 -3.49 16.98
CA TYR A 455 -10.69 -2.47 15.99
C TYR A 455 -11.97 -2.04 15.26
N LYS A 456 -12.80 -3.00 14.87
CA LYS A 456 -14.04 -2.73 14.14
C LYS A 456 -14.92 -1.72 14.87
N ASN A 457 -15.17 -1.97 16.15
CA ASN A 457 -16.05 -1.12 16.94
C ASN A 457 -15.52 0.28 17.17
N THR A 458 -14.24 0.40 17.53
CA THR A 458 -13.73 1.69 17.88
C THR A 458 -13.61 2.53 16.60
N LYS A 459 -13.40 1.84 15.47
CA LYS A 459 -13.35 2.51 14.18
C LYS A 459 -14.67 3.22 13.94
N ASN A 460 -15.75 2.49 14.13
CA ASN A 460 -17.07 3.07 13.91
C ASN A 460 -17.42 4.13 14.97
N ARG A 461 -16.93 3.96 16.21
CA ARG A 461 -17.09 5.02 17.21
C ARG A 461 -16.35 6.28 16.79
N ILE A 462 -15.14 6.14 16.28
CA ILE A 462 -14.34 7.31 15.97
C ILE A 462 -14.92 8.09 14.80
N ILE A 463 -15.43 7.39 13.80
CA ILE A 463 -15.92 8.10 12.64
C ILE A 463 -17.22 8.81 12.98
N LYS A 464 -18.08 8.16 13.76
CA LYS A 464 -19.31 8.77 14.22
C LYS A 464 -18.95 10.00 15.04
N GLU A 465 -18.04 9.83 15.98
CA GLU A 465 -17.57 10.93 16.80
C GLU A 465 -17.09 12.11 15.95
N THR A 466 -16.18 11.89 14.99
CA THR A 466 -15.57 13.04 14.33
C THR A 466 -16.59 13.77 13.45
N LYS A 467 -17.53 13.01 12.90
CA LYS A 467 -18.59 13.57 12.07
C LYS A 467 -19.43 14.56 12.89
N ASN A 468 -19.76 14.15 14.10
CA ASN A 468 -20.53 14.98 15.03
C ASN A 468 -19.81 16.23 15.48
N GLU A 469 -18.54 16.09 15.85
CA GLU A 469 -17.78 17.19 16.43
C GLU A 469 -17.24 18.18 15.38
N ALA A 470 -17.62 18.00 14.13
CA ALA A 470 -17.08 18.82 13.05
C ALA A 470 -17.65 20.23 13.08
N GLN A 471 -16.79 21.21 12.83
CA GLN A 471 -17.18 22.62 12.88
C GLN A 471 -17.23 23.28 11.52
N ALA A 472 -16.48 22.73 10.59
CA ALA A 472 -16.56 23.16 9.22
C ALA A 472 -16.93 21.95 8.39
N ILE A 473 -17.94 22.12 7.56
CA ILE A 473 -18.71 21.05 6.98
C ILE A 473 -18.64 21.21 5.47
N ALA A 474 -18.78 20.12 4.71
CA ALA A 474 -18.56 20.14 3.26
C ALA A 474 -19.28 21.29 2.55
N GLY A 475 -18.53 22.05 1.74
CA GLY A 475 -19.07 23.21 1.06
C GLY A 475 -18.73 24.54 1.71
N ASP A 476 -18.44 24.53 3.01
CA ASP A 476 -17.97 25.73 3.69
C ASP A 476 -16.65 26.20 3.08
N ARG A 477 -16.60 27.48 2.73
CA ARG A 477 -15.36 28.18 2.45
C ARG A 477 -14.61 28.40 3.74
N ILE A 478 -13.35 28.04 3.78
CA ILE A 478 -12.64 27.96 5.04
C ILE A 478 -11.32 28.75 4.99
N ARG A 479 -11.01 29.41 6.09
CA ARG A 479 -9.67 29.96 6.32
C ARG A 479 -9.10 29.17 7.47
N MET A 480 -8.11 28.34 7.17
CA MET A 480 -7.60 27.39 8.15
C MET A 480 -6.19 27.73 8.61
N PHE A 481 -6.01 27.98 9.90
CA PHE A 481 -4.71 28.37 10.45
C PHE A 481 -3.98 27.18 11.03
N ILE A 482 -2.87 26.82 10.41
CA ILE A 482 -2.17 25.60 10.78
C ILE A 482 -0.84 25.89 11.45
N ARG A 483 -0.66 25.34 12.65
CA ARG A 483 0.59 25.55 13.39
C ARG A 483 1.73 24.92 12.60
N PHE A 484 2.56 25.77 12.06
CA PHE A 484 3.51 25.40 11.04
C PHE A 484 4.88 26.04 11.28
N PRO A 485 5.95 25.22 11.26
CA PRO A 485 7.36 25.61 11.41
C PRO A 485 7.92 26.36 10.19
N LYS A 486 8.86 27.28 10.39
CA LYS A 486 9.37 28.14 9.30
C LYS A 486 10.34 27.45 8.33
N PHE A 487 11.09 26.46 8.79
CA PHE A 487 12.11 25.88 7.89
C PHE A 487 11.49 25.06 6.78
N LEU A 488 10.18 24.83 6.88
CA LEU A 488 9.45 24.06 5.87
C LEU A 488 8.88 24.95 4.77
N LEU A 489 8.81 26.25 5.03
CA LEU A 489 8.30 27.22 4.07
C LEU A 489 8.99 27.18 2.72
N GLU A 490 10.26 26.79 2.72
CA GLU A 490 11.05 26.74 1.51
C GLU A 490 10.49 25.69 0.53
N LYS A 491 9.96 24.60 1.10
CA LYS A 491 9.46 23.48 0.30
C LYS A 491 8.07 23.75 -0.30
N ILE A 492 7.25 24.57 0.35
CA ILE A 492 5.94 24.93 -0.21
C ILE A 492 6.06 25.68 -1.52
N GLN A 493 5.35 25.18 -2.54
CA GLN A 493 5.35 25.77 -3.88
C GLN A 493 3.95 26.21 -4.29
N ASP A 494 3.85 26.99 -5.36
CA ASP A 494 2.60 27.66 -5.74
C ASP A 494 1.41 26.70 -5.85
N PRO A 495 0.38 26.93 -5.02
CA PRO A 495 -0.85 26.14 -4.98
C PRO A 495 -1.68 26.25 -6.26
N LYS A 496 -1.30 27.14 -7.16
CA LYS A 496 -1.95 27.22 -8.47
C LYS A 496 -1.08 26.56 -9.53
N GLN A 497 -0.03 25.85 -9.11
CA GLN A 497 0.89 25.15 -10.03
C GLN A 497 1.15 23.68 -9.63
N LEU A 498 1.31 23.44 -8.34
CA LEU A 498 1.32 22.09 -7.81
C LEU A 498 0.22 22.01 -6.75
N LEU A 499 -0.28 20.81 -6.51
CA LEU A 499 -1.40 20.63 -5.62
C LEU A 499 -0.98 20.73 -4.15
N PHE A 500 -1.73 21.54 -3.39
CA PHE A 500 -1.53 21.68 -1.95
C PHE A 500 -2.83 21.24 -1.27
N ALA A 501 -2.81 20.07 -0.65
CA ALA A 501 -4.03 19.51 -0.13
C ALA A 501 -3.80 19.14 1.30
N VAL A 502 -4.86 19.15 2.07
CA VAL A 502 -4.72 19.00 3.50
C VAL A 502 -5.76 18.00 3.93
N TYR A 503 -5.34 16.92 4.58
CA TYR A 503 -6.30 15.90 4.97
C TYR A 503 -6.42 15.88 6.47
N GLY A 504 -7.64 15.75 6.99
CA GLY A 504 -7.84 15.62 8.41
C GLY A 504 -7.35 14.27 8.89
N LEU A 505 -6.86 14.20 10.14
CA LEU A 505 -6.62 12.90 10.76
C LEU A 505 -7.72 12.65 11.74
N LEU A 506 -8.08 11.38 11.92
CA LEU A 506 -9.10 11.03 12.89
C LEU A 506 -8.44 10.92 14.26
N LEU A 507 -9.24 10.87 15.31
CA LEU A 507 -8.72 10.67 16.65
C LEU A 507 -7.71 9.54 16.67
N HIS A 508 -6.49 9.87 17.07
CA HIS A 508 -5.46 8.89 17.39
C HIS A 508 -4.75 8.32 16.19
N GLU A 509 -4.97 8.90 15.02
CA GLU A 509 -4.25 8.39 13.86
C GLU A 509 -2.81 8.88 13.87
N HIS A 510 -2.47 9.73 14.82
CA HIS A 510 -1.10 10.17 15.01
C HIS A 510 -0.28 9.07 15.68
N LYS A 511 -0.97 8.23 16.46
CA LYS A 511 -0.31 7.27 17.36
C LYS A 511 0.09 5.96 16.70
N ASN A 512 1.34 5.57 16.86
CA ASN A 512 1.81 4.29 16.34
C ASN A 512 1.13 3.13 17.02
N ALA A 513 1.11 2.00 16.33
CA ALA A 513 0.49 0.79 16.83
C ALA A 513 0.95 -0.37 15.99
N VAL A 514 0.76 -1.58 16.50
CA VAL A 514 1.02 -2.76 15.72
C VAL A 514 -0.10 -2.91 14.72
N VAL A 515 0.27 -2.87 13.46
CA VAL A 515 -0.66 -2.69 12.36
C VAL A 515 -0.59 -3.90 11.42
N ASN A 516 -1.66 -4.21 10.70
CA ASN A 516 -1.65 -5.31 9.74
C ASN A 516 -2.27 -4.94 8.40
N PHE A 517 -1.48 -4.95 7.33
CA PHE A 517 -2.04 -4.78 6.00
C PHE A 517 -2.28 -6.13 5.33
N SER A 518 -2.97 -6.12 4.20
CA SER A 518 -3.07 -7.28 3.33
C SER A 518 -2.31 -6.97 2.05
N LEU A 519 -1.86 -8.00 1.36
CA LEU A 519 -0.93 -7.76 0.28
C LEU A 519 -0.90 -8.90 -0.75
N GLN A 520 -0.94 -8.50 -2.02
CA GLN A 520 -0.97 -9.40 -3.15
C GLN A 520 -0.06 -8.77 -4.19
N ARG A 521 0.74 -9.56 -4.91
CA ARG A 521 1.72 -8.98 -5.85
C ARG A 521 1.02 -8.17 -6.92
N TRP A 522 1.72 -7.15 -7.43
CA TRP A 522 1.23 -6.42 -8.59
C TRP A 522 1.10 -7.34 -9.81
N GLU A 523 0.35 -6.92 -10.83
CA GLU A 523 0.38 -7.63 -12.12
C GLU A 523 1.82 -7.73 -12.64
N GLN A 524 2.20 -8.92 -13.10
CA GLN A 524 3.47 -9.11 -13.77
C GLN A 524 4.68 -8.62 -12.96
N TYR A 525 4.63 -8.76 -11.64
CA TYR A 525 5.81 -8.45 -10.84
C TYR A 525 6.57 -9.74 -10.47
N ASP A 526 7.71 -9.94 -11.15
CA ASP A 526 8.53 -11.15 -10.97
C ASP A 526 9.42 -11.15 -9.73
N LYS A 527 10.21 -10.09 -9.57
CA LYS A 527 11.21 -9.97 -8.50
C LYS A 527 10.72 -10.43 -7.12
N PRO A 528 11.61 -11.02 -6.31
CA PRO A 528 11.24 -11.47 -4.96
C PRO A 528 11.08 -10.31 -3.98
N VAL A 529 10.18 -10.47 -3.03
CA VAL A 529 9.97 -9.46 -2.02
C VAL A 529 10.03 -10.13 -0.66
N PRO A 530 11.14 -9.90 0.04
CA PRO A 530 11.47 -10.61 1.27
C PRO A 530 11.00 -9.88 2.51
N SER A 531 10.71 -10.61 3.58
CA SER A 531 10.36 -9.96 4.82
C SER A 531 11.51 -9.08 5.30
N GLN A 532 11.17 -8.12 6.15
CA GLN A 532 12.13 -7.23 6.81
C GLN A 532 12.85 -6.23 5.89
N GLU A 533 12.62 -6.30 4.58
CA GLU A 533 13.28 -5.40 3.66
C GLU A 533 12.51 -4.10 3.45
N PRO A 534 13.22 -2.96 3.48
CA PRO A 534 12.66 -1.62 3.24
C PRO A 534 11.70 -1.59 2.04
N ILE A 535 10.46 -1.26 2.33
CA ILE A 535 9.41 -1.14 1.34
C ILE A 535 8.62 0.09 1.73
N VAL A 536 7.93 0.72 0.79
CA VAL A 536 7.07 1.87 1.13
C VAL A 536 5.62 1.52 0.98
N VAL A 537 4.79 1.93 1.95
CA VAL A 537 3.34 1.91 1.78
C VAL A 537 2.73 3.28 1.60
N GLN A 538 1.91 3.43 0.57
CA GLN A 538 0.90 4.48 0.62
C GLN A 538 -0.38 3.83 1.14
N TYR A 539 -0.91 4.32 2.25
CA TYR A 539 -2.25 3.90 2.65
C TYR A 539 -3.11 5.12 3.00
N GLY A 540 -4.16 5.30 2.20
CA GLY A 540 -4.91 6.54 2.19
C GLY A 540 -4.01 7.56 1.52
N VAL A 541 -3.72 8.65 2.20
CA VAL A 541 -2.79 9.59 1.59
C VAL A 541 -1.37 9.40 2.17
N ARG A 542 -1.29 8.91 3.40
CA ARG A 542 0.00 8.71 4.07
C ARG A 542 0.93 7.76 3.36
N ARG A 543 2.22 7.99 3.55
CA ARG A 543 3.27 7.21 2.91
C ARG A 543 4.41 6.95 3.90
N TYR A 544 4.69 5.67 4.15
CA TYR A 544 5.72 5.29 5.11
C TYR A 544 6.68 4.25 4.56
N THR A 545 7.94 4.32 5.00
CA THR A 545 8.85 3.22 4.77
C THR A 545 8.69 2.21 5.90
N ILE A 546 8.15 1.04 5.56
CA ILE A 546 7.98 -0.01 6.55
C ILE A 546 8.90 -1.19 6.28
N GLN A 547 9.12 -1.97 7.33
CA GLN A 547 9.82 -3.25 7.23
C GLN A 547 8.86 -4.33 7.70
N PRO A 548 8.18 -4.95 6.75
CA PRO A 548 7.02 -5.79 7.06
C PRO A 548 7.40 -7.23 7.37
N LEU A 549 6.55 -7.90 8.13
CA LEU A 549 6.68 -9.32 8.33
C LEU A 549 5.53 -10.03 7.64
N PHE A 550 5.85 -10.90 6.71
CA PHE A 550 4.79 -11.58 5.96
C PHE A 550 4.34 -12.86 6.65
N SER A 551 3.07 -13.19 6.49
CA SER A 551 2.45 -14.40 7.03
C SER A 551 1.17 -14.68 6.29
N GLN A 552 0.52 -15.79 6.60
CA GLN A 552 -0.70 -16.18 5.89
C GLN A 552 -1.94 -16.02 6.78
N GLY A 553 -3.13 -16.15 6.19
CA GLY A 553 -4.37 -16.09 6.94
C GLY A 553 -4.54 -17.22 7.95
N PRO A 557 -7.68 -18.71 12.36
CA PRO A 557 -6.94 -19.81 13.00
C PRO A 557 -6.71 -19.56 14.50
N ASN A 558 -6.00 -20.47 15.16
CA ASN A 558 -5.36 -20.13 16.43
C ASN A 558 -4.50 -18.88 16.20
N ASN A 559 -4.47 -17.97 17.16
CA ASN A 559 -3.95 -16.62 16.94
C ASN A 559 -2.46 -16.46 16.60
N VAL A 560 -1.78 -17.56 16.28
CA VAL A 560 -0.37 -17.47 15.90
C VAL A 560 -0.23 -17.92 14.45
N HIS A 561 0.66 -17.26 13.73
CA HIS A 561 0.77 -17.46 12.30
C HIS A 561 2.21 -17.74 11.92
N LYS A 562 2.39 -18.53 10.86
CA LYS A 562 3.72 -18.86 10.41
C LYS A 562 4.31 -17.67 9.66
N TYR A 563 5.47 -17.22 10.10
CA TYR A 563 6.22 -16.18 9.42
C TYR A 563 6.77 -16.75 8.12
N GLU A 564 6.62 -16.00 7.03
CA GLU A 564 7.24 -16.43 5.80
C GLU A 564 8.28 -15.44 5.34
N ARG A 565 9.47 -15.98 5.05
CA ARG A 565 10.66 -15.19 4.78
C ARG A 565 10.55 -14.44 3.49
N PHE A 566 9.68 -14.90 2.61
CA PHE A 566 9.45 -14.25 1.32
C PHE A 566 7.97 -14.21 1.02
N LEU A 567 7.52 -13.12 0.41
CA LEU A 567 6.13 -13.01 -0.03
C LEU A 567 5.78 -14.13 -0.99
N HIS A 568 4.81 -14.96 -0.61
CA HIS A 568 4.49 -16.18 -1.36
C HIS A 568 4.05 -15.88 -2.81
N PRO A 569 4.00 -16.92 -3.68
CA PRO A 569 3.90 -16.62 -5.11
C PRO A 569 2.59 -15.99 -5.56
N ASP A 570 1.46 -16.64 -5.29
CA ASP A 570 0.17 -16.22 -5.82
C ASP A 570 -1.00 -16.33 -4.85
N THR A 571 -0.82 -15.83 -3.62
CA THR A 571 -1.95 -15.64 -2.73
C THR A 571 -1.77 -14.39 -1.89
N VAL A 572 -2.88 -13.93 -1.32
CA VAL A 572 -2.88 -12.75 -0.47
C VAL A 572 -2.30 -13.07 0.93
N SER A 573 -1.39 -12.21 1.39
CA SER A 573 -0.77 -12.40 2.70
C SER A 573 -1.07 -11.25 3.67
N VAL A 574 -0.67 -11.40 4.92
CA VAL A 574 -0.75 -10.30 5.88
C VAL A 574 0.64 -9.75 6.19
N ALA A 575 0.83 -8.45 5.97
CA ALA A 575 2.10 -7.80 6.28
C ALA A 575 1.95 -6.97 7.55
N THR A 576 2.64 -7.36 8.61
CA THR A 576 2.41 -6.72 9.87
C THR A 576 3.62 -5.92 10.32
N CYS A 577 3.35 -4.76 10.92
CA CYS A 577 4.41 -3.91 11.40
C CYS A 577 3.88 -2.86 12.36
N ILE A 578 4.76 -1.93 12.69
CA ILE A 578 4.43 -0.84 13.59
C ILE A 578 4.42 0.45 12.81
N ALA A 579 3.22 0.95 12.52
CA ALA A 579 3.03 2.20 11.80
C ALA A 579 1.90 2.92 12.48
N PRO A 580 1.66 4.18 12.09
CA PRO A 580 0.48 4.84 12.69
C PRO A 580 -0.83 4.22 12.24
N VAL A 581 -1.80 4.09 13.15
CA VAL A 581 -3.11 3.55 12.80
C VAL A 581 -3.90 4.42 11.84
N ASP A 582 -4.76 3.75 11.11
CA ASP A 582 -5.64 4.31 10.13
C ASP A 582 -7.05 3.84 10.52
N PHE A 583 -8.02 4.75 10.59
CA PHE A 583 -9.35 4.38 11.09
C PHE A 583 -10.45 4.46 10.03
N THR A 584 -10.04 4.70 8.80
CA THR A 584 -10.80 4.29 7.65
C THR A 584 -10.08 3.00 7.33
N GLN A 585 -10.46 2.22 6.34
CA GLN A 585 -9.61 1.05 6.10
C GLN A 585 -8.95 1.25 4.76
N SER A 586 -8.07 2.23 4.73
CA SER A 586 -7.52 2.75 3.49
C SER A 586 -6.96 1.66 2.61
N PRO A 587 -7.16 1.81 1.29
CA PRO A 587 -6.42 1.00 0.32
C PRO A 587 -4.92 1.12 0.58
N ALA A 588 -4.15 0.13 0.17
CA ALA A 588 -2.71 0.21 0.32
C ALA A 588 -2.04 -0.14 -0.98
N ILE A 589 -1.00 0.63 -1.32
CA ILE A 589 -0.13 0.37 -2.47
C ILE A 589 1.31 0.30 -2.00
N PHE A 590 2.02 -0.76 -2.37
CA PHE A 590 3.38 -0.98 -1.89
C PHE A 590 4.40 -0.78 -3.00
N PHE A 591 5.44 0.01 -2.74
CA PHE A 591 6.46 0.26 -3.77
C PHE A 591 7.87 0.56 -3.23
N LYS A 592 8.85 0.52 -4.12
CA LYS A 592 10.20 1.04 -3.89
C LYS A 592 10.47 2.05 -4.98
N PRO A 593 11.37 3.01 -4.72
CA PRO A 593 11.96 3.88 -5.76
C PRO A 593 12.89 3.13 -6.72
N SER A 594 12.99 3.53 -7.99
CA SER A 594 13.81 2.79 -8.98
C SER A 594 13.95 3.40 -10.37
N PRO A 595 14.89 4.36 -10.54
CA PRO A 595 15.15 4.85 -11.91
C PRO A 595 15.84 3.77 -12.74
N ALA A 598 12.31 3.12 -14.08
CA ALA A 598 10.94 2.94 -14.57
C ALA A 598 10.21 4.28 -14.69
N LYS A 599 9.21 4.50 -13.85
CA LYS A 599 8.64 5.83 -13.65
C LYS A 599 9.15 6.39 -12.30
N ASN A 600 10.47 6.32 -12.12
CA ASN A 600 11.17 6.64 -10.86
C ASN A 600 10.69 5.79 -9.68
N ILE A 601 9.78 4.86 -9.94
CA ILE A 601 9.19 4.03 -8.90
C ILE A 601 8.94 2.60 -9.39
N GLU A 602 8.90 1.68 -8.46
CA GLU A 602 8.67 0.28 -8.77
C GLU A 602 7.48 -0.22 -7.96
N LEU A 603 6.40 -0.56 -8.64
CA LEU A 603 5.14 -0.94 -7.99
C LEU A 603 5.14 -2.40 -7.67
N ILE A 604 5.20 -2.76 -6.38
CA ILE A 604 5.33 -4.18 -6.10
C ILE A 604 4.05 -4.82 -5.54
N GLY A 605 3.21 -4.10 -4.82
CA GLY A 605 2.04 -4.75 -4.25
C GLY A 605 0.84 -3.87 -3.98
N HIS A 606 -0.28 -4.48 -3.58
CA HIS A 606 -1.51 -3.75 -3.28
C HIS A 606 -2.38 -4.54 -2.32
N GLY A 607 -3.13 -3.82 -1.49
CA GLY A 607 -3.98 -4.46 -0.51
C GLY A 607 -4.68 -3.35 0.25
N THR A 608 -5.13 -3.63 1.46
CA THR A 608 -5.73 -2.58 2.28
C THR A 608 -5.35 -2.72 3.76
N PHE A 609 -5.46 -1.62 4.51
CA PHE A 609 -5.17 -1.62 5.95
C PHE A 609 -6.24 -2.42 6.69
N LEU A 610 -5.87 -3.55 7.28
CA LEU A 610 -6.88 -4.37 7.93
C LEU A 610 -7.21 -3.96 9.34
N ASN A 611 -6.23 -3.38 10.04
CA ASN A 611 -6.06 -3.80 11.42
C ASN A 611 -5.08 -3.07 12.28
N ALA A 612 -5.48 -2.84 13.52
CA ALA A 612 -4.52 -2.78 14.61
C ALA A 612 -4.88 -3.96 15.51
N ASP A 613 -3.88 -4.80 15.75
CA ASP A 613 -4.07 -6.05 16.44
C ASP A 613 -2.71 -6.58 16.85
N HIS A 614 -2.33 -6.29 18.09
CA HIS A 614 -1.02 -6.69 18.59
C HIS A 614 -1.07 -8.09 19.18
N SER A 615 -2.17 -8.79 18.88
CA SER A 615 -2.37 -10.17 19.32
C SER A 615 -1.90 -11.15 18.26
N ARG A 616 -1.69 -10.64 17.06
CA ARG A 616 -1.16 -11.44 15.97
C ARG A 616 0.28 -11.78 16.30
N ILE A 617 0.51 -13.05 16.58
CA ILE A 617 1.85 -13.53 16.88
C ILE A 617 2.46 -14.14 15.62
N LEU A 618 3.69 -13.75 15.35
CA LEU A 618 4.41 -14.21 14.18
C LEU A 618 5.51 -15.19 14.62
N ALA A 619 5.44 -16.43 14.16
CA ALA A 619 6.40 -17.45 14.53
C ALA A 619 7.17 -17.98 13.32
N LYS A 620 8.50 -17.97 13.40
CA LYS A 620 9.38 -18.50 12.35
C LYS A 620 9.82 -19.92 12.63
N ARG A 621 9.46 -20.85 11.75
CA ARG A 621 9.82 -22.24 11.94
C ARG A 621 11.26 -22.51 11.51
N ALA A 622 11.85 -23.56 12.10
CA ALA A 622 13.09 -24.12 11.64
C ALA A 622 12.94 -25.63 11.70
N ILE A 623 13.36 -26.28 10.62
CA ILE A 623 13.33 -27.72 10.53
C ILE A 623 14.75 -28.24 10.43
N LEU A 624 15.11 -29.12 11.34
CA LEU A 624 16.35 -29.88 11.24
C LEU A 624 16.01 -31.27 10.76
N THR A 625 16.73 -31.79 9.79
CA THR A 625 16.50 -33.16 9.37
C THR A 625 17.72 -34.02 9.66
N GLY A 626 17.49 -35.32 9.81
CA GLY A 626 18.57 -36.28 10.01
C GLY A 626 18.24 -37.58 9.31
N HIS A 627 19.23 -38.42 9.09
CA HIS A 627 18.97 -39.69 8.40
C HIS A 627 19.08 -40.87 9.36
N PRO A 628 17.98 -41.63 9.50
CA PRO A 628 18.07 -42.87 10.28
C PRO A 628 18.89 -43.90 9.49
N PHE A 629 19.81 -44.61 10.13
CA PHE A 629 20.59 -45.58 9.38
C PHE A 629 20.84 -46.93 10.08
N ARG A 630 20.62 -47.01 11.39
CA ARG A 630 20.74 -48.28 12.10
C ARG A 630 19.46 -48.58 12.86
N PHE A 631 18.98 -49.81 12.75
CA PHE A 631 17.69 -50.17 13.32
C PHE A 631 17.83 -51.41 14.21
N HIS A 632 17.65 -51.23 15.51
CA HIS A 632 17.65 -52.33 16.46
C HIS A 632 16.25 -52.49 17.06
N LYS A 633 15.29 -52.77 16.17
CA LYS A 633 13.89 -52.99 16.54
C LYS A 633 13.24 -51.71 17.04
N THR A 634 13.40 -51.47 18.34
CA THR A 634 12.82 -50.30 19.01
C THR A 634 13.60 -49.02 18.69
N VAL A 635 14.92 -49.12 18.86
CA VAL A 635 15.87 -48.00 18.76
C VAL A 635 16.44 -47.76 17.37
N VAL A 636 16.15 -46.58 16.84
CA VAL A 636 16.83 -46.09 15.65
C VAL A 636 18.10 -45.32 16.06
N THR A 637 19.11 -45.27 15.21
CA THR A 637 20.18 -44.32 15.44
C THR A 637 20.37 -43.47 14.19
N VAL A 638 20.52 -42.17 14.44
CA VAL A 638 20.41 -41.09 13.46
C VAL A 638 21.71 -40.29 13.35
N ARG A 639 22.01 -39.75 12.16
CA ARG A 639 23.23 -38.96 11.97
C ARG A 639 22.94 -37.76 11.06
N TYR A 640 23.80 -36.75 11.11
CA TYR A 640 23.76 -35.56 10.21
C TYR A 640 22.62 -34.56 10.47
N MET A 641 21.94 -34.71 11.60
CA MET A 641 21.04 -33.65 12.09
C MET A 641 21.94 -32.68 12.87
N PHE A 642 22.57 -33.19 13.93
CA PHE A 642 23.54 -32.47 14.70
C PHE A 642 24.93 -33.01 14.38
N PHE A 643 25.97 -32.27 14.77
CA PHE A 643 27.33 -32.68 14.47
C PHE A 643 28.26 -32.61 15.67
N ARG A 644 27.69 -32.53 16.87
CA ARG A 644 28.44 -32.45 18.12
C ARG A 644 27.56 -33.03 19.20
N PRO A 645 28.14 -33.77 20.17
CA PRO A 645 27.30 -34.39 21.20
C PRO A 645 26.63 -33.34 22.06
N GLU A 646 27.33 -32.24 22.29
CA GLU A 646 26.87 -31.25 23.25
C GLU A 646 25.67 -30.50 22.67
N ASP A 647 25.62 -30.44 21.34
CA ASP A 647 24.40 -30.00 20.65
C ASP A 647 23.27 -31.00 20.82
N VAL A 648 23.56 -32.28 20.64
CA VAL A 648 22.53 -33.31 20.82
C VAL A 648 21.95 -33.18 22.21
N GLU A 649 22.83 -32.98 23.19
CA GLU A 649 22.44 -32.90 24.60
C GLU A 649 21.57 -31.68 24.96
N TRP A 650 21.89 -30.53 24.35
CA TRP A 650 21.14 -29.31 24.59
C TRP A 650 19.69 -29.48 24.13
N PHE A 651 19.50 -30.19 23.04
CA PHE A 651 18.19 -30.33 22.42
C PHE A 651 17.50 -31.66 22.68
N LYS A 652 18.09 -32.47 23.56
CA LYS A 652 17.57 -33.79 23.95
C LYS A 652 16.05 -33.88 24.00
N SER A 653 15.45 -32.87 24.60
CA SER A 653 14.05 -32.92 25.01
C SER A 653 13.05 -32.45 23.97
N ILE A 654 13.51 -32.03 22.81
CA ILE A 654 12.56 -31.65 21.80
C ILE A 654 12.13 -32.91 21.02
N PRO A 655 10.81 -33.08 20.84
CA PRO A 655 10.25 -34.23 20.14
C PRO A 655 10.80 -34.35 18.74
N LEU A 656 10.90 -35.57 18.26
CA LEU A 656 11.25 -35.79 16.87
C LEU A 656 10.00 -36.20 16.15
N PHE A 657 10.00 -36.06 14.84
CA PHE A 657 8.98 -36.72 14.03
C PHE A 657 9.62 -37.24 12.77
N THR A 658 8.82 -37.87 11.92
CA THR A 658 9.26 -38.19 10.57
C THR A 658 8.21 -37.65 9.62
N LYS A 659 8.64 -37.34 8.41
CA LYS A 659 7.73 -36.82 7.42
C LYS A 659 6.67 -37.85 7.10
N SER A 660 6.94 -39.12 7.41
CA SER A 660 5.95 -40.21 7.28
C SER A 660 4.97 -40.27 8.47
N GLY A 661 5.02 -39.27 9.35
CA GLY A 661 4.05 -39.17 10.43
C GLY A 661 4.34 -39.86 11.76
N ARG A 662 5.56 -40.34 11.97
CA ARG A 662 5.87 -40.96 13.24
C ARG A 662 6.32 -39.91 14.27
N SER A 663 6.46 -40.33 15.52
CA SER A 663 6.76 -39.41 16.60
C SER A 663 7.86 -40.02 17.43
N GLY A 664 8.79 -39.20 17.90
CA GLY A 664 9.94 -39.73 18.58
C GLY A 664 10.55 -38.88 19.66
N PHE A 665 11.68 -39.36 20.17
CA PHE A 665 12.36 -38.73 21.28
C PHE A 665 13.79 -39.24 21.26
N ILE A 666 14.74 -38.34 21.47
CA ILE A 666 16.14 -38.74 21.56
C ILE A 666 16.39 -39.44 22.88
N LYS A 667 17.04 -40.60 22.80
CA LYS A 667 17.47 -41.32 23.98
C LYS A 667 18.78 -40.74 24.48
N GLU A 668 19.84 -40.94 23.70
CA GLU A 668 21.19 -40.64 24.12
C GLU A 668 22.09 -40.20 22.97
N SER A 669 23.15 -39.49 23.33
CA SER A 669 24.19 -39.12 22.41
C SER A 669 24.95 -40.39 21.98
N LEU A 670 25.46 -40.46 20.75
CA LEU A 670 26.25 -41.63 20.34
C LEU A 670 27.53 -41.19 19.64
N GLY A 671 28.66 -41.38 20.31
CA GLY A 671 29.91 -40.93 19.78
C GLY A 671 30.20 -39.46 20.00
N THR A 672 30.75 -38.85 18.98
CA THR A 672 31.50 -37.61 19.11
C THR A 672 31.14 -36.64 17.97
N HIS A 673 30.41 -37.12 16.97
CA HIS A 673 30.06 -36.25 15.85
C HIS A 673 28.57 -36.04 15.67
N GLY A 674 27.78 -36.22 16.72
CA GLY A 674 26.38 -35.84 16.67
C GLY A 674 25.40 -36.95 16.33
N TYR A 675 25.89 -38.17 16.16
CA TYR A 675 24.99 -39.30 16.07
C TYR A 675 24.19 -39.34 17.36
N PHE A 676 22.91 -39.65 17.26
CA PHE A 676 22.20 -39.96 18.51
C PHE A 676 21.36 -41.19 18.31
N LYS A 677 20.90 -41.77 19.42
CA LYS A 677 19.94 -42.85 19.41
C LYS A 677 18.58 -42.28 19.79
N ALA A 678 17.53 -42.73 19.12
CA ALA A 678 16.19 -42.25 19.36
C ALA A 678 15.17 -43.37 19.28
N THR A 679 14.12 -43.25 20.07
CA THR A 679 13.06 -44.25 20.06
C THR A 679 11.85 -43.64 19.35
N PHE A 680 11.03 -44.48 18.72
CA PHE A 680 9.86 -43.99 17.96
C PHE A 680 8.58 -44.82 18.12
N ASP A 681 7.49 -44.32 17.56
CA ASP A 681 6.22 -45.06 17.40
C ASP A 681 6.38 -46.36 16.65
N GLY A 682 6.36 -46.24 15.32
CA GLY A 682 6.41 -47.40 14.47
C GLY A 682 7.82 -47.69 14.06
N LYS A 683 7.98 -48.72 13.25
CA LYS A 683 9.26 -49.03 12.64
C LYS A 683 9.56 -47.98 11.60
N LEU A 684 10.83 -47.65 11.43
CA LEU A 684 11.25 -46.70 10.41
C LEU A 684 12.07 -47.41 9.37
N SER A 685 12.31 -46.77 8.24
CA SER A 685 13.22 -47.32 7.24
C SER A 685 14.33 -46.32 6.95
N ALA A 686 15.32 -46.74 6.18
CA ALA A 686 16.38 -45.84 5.80
C ALA A 686 15.95 -44.90 4.66
N GLN A 687 14.68 -44.98 4.26
CA GLN A 687 14.12 -43.97 3.37
C GLN A 687 13.43 -42.87 4.16
N ASP A 688 13.06 -43.17 5.40
CA ASP A 688 12.40 -42.21 6.23
C ASP A 688 13.31 -41.02 6.50
N VAL A 689 12.70 -39.85 6.72
CA VAL A 689 13.43 -38.65 7.10
C VAL A 689 12.91 -38.19 8.47
N VAL A 690 13.81 -38.20 9.47
CA VAL A 690 13.45 -37.78 10.81
C VAL A 690 13.82 -36.32 10.91
N ALA A 691 12.99 -35.56 11.62
CA ALA A 691 13.20 -34.14 11.71
C ALA A 691 12.82 -33.64 13.09
N MET A 692 13.22 -32.41 13.35
CA MET A 692 12.93 -31.74 14.60
C MET A 692 12.48 -30.34 14.24
N SER A 693 11.52 -29.82 14.99
CA SER A 693 10.88 -28.56 14.62
C SER A 693 10.98 -27.53 15.74
N LEU A 694 11.46 -26.35 15.40
CA LEU A 694 11.60 -25.28 16.40
C LEU A 694 10.99 -23.99 15.88
N TYR A 695 10.57 -23.11 16.78
CA TYR A 695 10.01 -21.82 16.39
C TYR A 695 10.57 -20.61 17.15
N LYS A 696 10.74 -19.53 16.41
CA LYS A 696 11.32 -18.29 16.93
C LYS A 696 10.25 -17.18 16.84
N ARG A 697 9.97 -16.49 17.94
CA ARG A 697 9.00 -15.42 17.90
C ARG A 697 9.56 -14.22 17.15
N MET A 698 8.74 -13.66 16.29
CA MET A 698 9.15 -12.61 15.36
C MET A 698 8.47 -11.28 15.69
N TRP A 699 9.24 -10.23 15.93
CA TRP A 699 8.70 -8.98 16.46
C TRP A 699 8.56 -7.91 15.41
N PRO A 700 7.36 -7.30 15.30
CA PRO A 700 7.11 -6.29 14.26
C PRO A 700 8.09 -5.14 14.38
N MET A 701 8.54 -4.62 13.25
CA MET A 701 9.57 -3.58 13.24
C MET A 701 9.00 -2.18 13.05
N PRO A 702 9.76 -1.15 13.47
CA PRO A 702 9.22 0.19 13.31
C PRO A 702 9.36 0.73 11.89
N SER A 703 8.73 1.87 11.65
CA SER A 703 8.76 2.47 10.32
C SER A 703 8.94 3.97 10.47
N LEU A 704 9.13 4.65 9.35
CA LEU A 704 9.29 6.10 9.39
C LEU A 704 8.68 6.72 8.12
N PRO A 705 8.26 7.97 8.21
CA PRO A 705 7.58 8.56 7.04
C PRO A 705 8.51 8.68 5.82
N TRP A 706 7.90 8.90 4.66
CA TRP A 706 8.60 8.94 3.38
C TRP A 706 8.11 10.12 2.51
N ASN A 707 9.03 10.80 1.81
CA ASN A 707 8.65 11.95 1.00
C ASN A 707 9.12 11.89 -0.45
S SO4 B . 17.55 -17.72 11.11
O1 SO4 B . 17.11 -18.22 9.80
O2 SO4 B . 18.37 -16.51 10.95
O3 SO4 B . 16.45 -17.43 12.01
O4 SO4 B . 18.33 -18.78 11.76
S SO4 C . 33.60 -41.42 17.89
O1 SO4 C . 32.44 -40.62 17.49
O2 SO4 C . 34.71 -40.52 18.16
O3 SO4 C . 33.28 -42.17 19.12
O4 SO4 C . 33.92 -42.34 16.80
S SO4 D . -6.30 -7.50 -15.28
O1 SO4 D . -5.97 -7.48 -16.70
O2 SO4 D . -5.74 -6.29 -14.67
O3 SO4 D . -7.74 -7.54 -15.06
O4 SO4 D . -5.73 -8.69 -14.66
S SO4 E . 5.50 -2.50 -12.35
O1 SO4 E . 5.27 -1.74 -13.58
O2 SO4 E . 6.55 -1.83 -11.56
O3 SO4 E . 4.25 -2.60 -11.57
O4 SO4 E . 5.91 -3.87 -12.66
S SO4 F . -4.40 0.44 -26.67
O1 SO4 F . -3.97 -0.01 -28.01
O2 SO4 F . -4.27 1.90 -26.55
O3 SO4 F . -5.80 0.03 -26.52
O4 SO4 F . -3.55 -0.23 -25.68
S SO4 G . -4.72 -13.10 15.34
O1 SO4 G . -5.36 -12.80 14.05
O2 SO4 G . -4.43 -11.86 16.06
O3 SO4 G . -5.63 -13.94 16.13
O4 SO4 G . -3.48 -13.82 15.10
S SO4 H . 13.50 2.51 0.33
O1 SO4 H . 12.40 2.86 -0.57
O2 SO4 H . 14.76 3.11 -0.13
O3 SO4 H . 13.16 3.02 1.65
O4 SO4 H . 13.60 1.05 0.31
S SO4 I . 4.14 -29.61 20.68
O1 SO4 I . 3.45 -28.88 19.62
O2 SO4 I . 5.24 -28.78 21.22
O3 SO4 I . 3.18 -29.91 21.74
O4 SO4 I . 4.69 -30.86 20.16
S SO4 J . -10.06 -0.77 -3.48
O1 SO4 J . -9.54 -1.45 -4.69
O2 SO4 J . -9.79 0.66 -3.61
O3 SO4 J . -9.41 -1.31 -2.29
O4 SO4 J . -11.50 -0.98 -3.36
S SO4 K . -26.38 11.25 -11.28
O1 SO4 K . -25.97 12.63 -11.47
O2 SO4 K . -27.39 10.91 -12.28
O3 SO4 K . -26.93 11.08 -9.94
O4 SO4 K . -25.24 10.36 -11.43
#